data_6FGG
#
_entry.id   6FGG
#
_cell.length_a   55.408
_cell.length_b   62.566
_cell.length_c   69.387
_cell.angle_alpha   90.000
_cell.angle_beta   90.000
_cell.angle_gamma   90.000
#
_symmetry.space_group_name_H-M   'C 2 2 21'
#
loop_
_entity.id
_entity.type
_entity.pdbx_description
1 polymer 'Bromodomain adjacent to zinc finger domain protein 2A'
2 non-polymer ~{N}-[3-[2-(dimethylamino)ethyl]-2-oxidanylidene-1,3-benzoxazol-5-yl]-1-methyl-6-oxidanylidene-pyridine-3-carboxamide
3 water water
#
_entity_poly.entity_id   1
_entity_poly.type   'polypeptide(L)'
_entity_poly.pdbx_seq_one_letter_code
;SMHSDLTFCEIILMEMESHDAAWPFLEPVNPRLVSGYRRIIKNPMDFSTMRERLLRGGYTSSEEFAADALLVFDNCQTFN
EDDSEVGKAGHIMRRFFESRWEEFYQ
;
_entity_poly.pdbx_strand_id   A
#
loop_
_chem_comp.id
_chem_comp.type
_chem_comp.name
_chem_comp.formula
D9B non-polymer ~{N}-[3-[2-(dimethylamino)ethyl]-2-oxidanylidene-1,3-benzoxazol-5-yl]-1-methyl-6-oxidanylidene-pyridine-3-carboxamide 'C18 H20 N4 O4'
#
# COMPACT_ATOMS: atom_id res chain seq x y z
N LEU A 6 -10.38 11.50 8.47
CA LEU A 6 -9.62 10.88 7.40
C LEU A 6 -8.53 11.80 6.87
N THR A 7 -8.47 13.06 7.33
CA THR A 7 -7.32 13.88 6.99
C THR A 7 -6.03 13.25 7.49
N PHE A 8 -6.07 12.52 8.61
CA PHE A 8 -4.87 11.83 9.08
C PHE A 8 -4.55 10.59 8.26
N CYS A 9 -5.56 9.98 7.65
CA CYS A 9 -5.27 8.98 6.62
C CYS A 9 -4.55 9.59 5.43
N GLU A 10 -4.96 10.81 5.03
CA GLU A 10 -4.28 11.44 3.90
CA GLU A 10 -4.28 11.45 3.90
C GLU A 10 -2.84 11.81 4.26
N ILE A 11 -2.60 12.28 5.49
CA ILE A 11 -1.24 12.57 5.93
C ILE A 11 -0.37 11.33 5.84
N ILE A 12 -0.86 10.21 6.36
CA ILE A 12 -0.07 8.97 6.30
C ILE A 12 0.16 8.56 4.85
N LEU A 13 -0.88 8.67 4.00
CA LEU A 13 -0.72 8.29 2.61
C LEU A 13 0.36 9.12 1.93
N MET A 14 0.35 10.43 2.16
CA MET A 14 1.37 11.30 1.57
C MET A 14 2.76 10.93 2.04
N GLU A 15 2.91 10.61 3.34
CA GLU A 15 4.22 10.20 3.84
C GLU A 15 4.65 8.87 3.22
N MET A 16 3.71 7.95 3.00
CA MET A 16 4.06 6.72 2.32
C MET A 16 4.47 6.98 0.88
N GLU A 17 3.72 7.84 0.18
CA GLU A 17 4.01 8.11 -1.23
C GLU A 17 5.39 8.74 -1.42
N SER A 18 5.88 9.47 -0.42
CA SER A 18 7.19 10.13 -0.53
C SER A 18 8.35 9.28 0.01
N HIS A 19 8.08 8.07 0.49
CA HIS A 19 9.10 7.27 1.15
C HIS A 19 10.06 6.70 0.11
N ASP A 20 11.33 6.52 0.51
CA ASP A 20 12.33 5.93 -0.37
C ASP A 20 11.98 4.50 -0.80
N ALA A 21 11.19 3.78 -0.03
CA ALA A 21 10.80 2.41 -0.34
C ALA A 21 9.43 2.31 -0.99
N ALA A 22 8.85 3.44 -1.41
CA ALA A 22 7.49 3.43 -1.92
C ALA A 22 7.39 3.11 -3.40
N TRP A 23 8.49 3.18 -4.15
CA TRP A 23 8.44 3.11 -5.60
C TRP A 23 7.70 1.89 -6.17
N PRO A 24 7.66 0.72 -5.52
CA PRO A 24 6.88 -0.39 -6.13
C PRO A 24 5.40 -0.19 -6.03
N PHE A 25 4.93 0.70 -5.14
CA PHE A 25 3.54 0.74 -4.70
C PHE A 25 2.78 1.99 -5.13
N LEU A 26 3.40 2.86 -5.90
CA LEU A 26 2.81 4.15 -6.23
C LEU A 26 1.65 4.01 -7.20
N GLU A 27 1.71 3.05 -8.11
CA GLU A 27 0.75 2.87 -9.18
C GLU A 27 0.38 1.40 -9.28
N PRO A 28 -0.78 1.08 -9.86
CA PRO A 28 -1.14 -0.34 -10.01
C PRO A 28 -0.07 -1.08 -10.78
N VAL A 29 0.19 -2.32 -10.37
CA VAL A 29 1.03 -3.21 -11.17
C VAL A 29 0.33 -3.43 -12.50
N ASN A 30 1.07 -3.32 -13.61
CA ASN A 30 0.52 -3.71 -14.90
C ASN A 30 0.82 -5.18 -15.04
N PRO A 31 -0.18 -6.06 -14.96
CA PRO A 31 0.12 -7.49 -15.01
C PRO A 31 0.69 -7.94 -16.34
N ARG A 32 0.54 -7.18 -17.42
CA ARG A 32 1.18 -7.55 -18.67
C ARG A 32 2.69 -7.56 -18.55
N LEU A 33 3.25 -6.80 -17.59
CA LEU A 33 4.68 -6.67 -17.44
C LEU A 33 5.25 -7.53 -16.33
N VAL A 34 4.41 -8.17 -15.51
CA VAL A 34 4.83 -8.92 -14.33
C VAL A 34 4.18 -10.30 -14.42
N SER A 35 4.93 -11.30 -14.91
CA SER A 35 4.39 -12.62 -15.14
CA SER A 35 4.40 -12.63 -15.14
C SER A 35 3.77 -13.18 -13.87
N GLY A 36 2.54 -13.70 -14.00
CA GLY A 36 1.87 -14.36 -12.92
C GLY A 36 1.10 -13.45 -11.98
N TYR A 37 1.24 -12.13 -12.12
CA TYR A 37 0.68 -11.25 -11.10
C TYR A 37 -0.82 -11.42 -10.98
N ARG A 38 -1.51 -11.40 -12.12
CA ARG A 38 -2.97 -11.50 -12.09
C ARG A 38 -3.43 -12.88 -11.62
N ARG A 39 -2.64 -13.92 -11.88
CA ARG A 39 -2.99 -15.26 -11.41
C ARG A 39 -2.87 -15.36 -9.89
N ILE A 40 -1.85 -14.75 -9.31
CA ILE A 40 -1.53 -14.94 -7.90
C ILE A 40 -2.26 -13.94 -7.01
N ILE A 41 -2.35 -12.69 -7.44
CA ILE A 41 -2.92 -11.62 -6.63
C ILE A 41 -4.33 -11.33 -7.11
N LYS A 42 -5.31 -11.68 -6.31
CA LYS A 42 -6.70 -11.54 -6.71
C LYS A 42 -7.27 -10.16 -6.44
N ASN A 43 -6.73 -9.43 -5.46
CA ASN A 43 -7.25 -8.12 -5.06
C ASN A 43 -6.10 -7.13 -5.06
N PRO A 44 -5.71 -6.62 -6.22
CA PRO A 44 -4.59 -5.67 -6.27
C PRO A 44 -4.94 -4.37 -5.57
N MET A 45 -3.90 -3.71 -5.03
CA MET A 45 -4.08 -2.38 -4.46
C MET A 45 -2.75 -1.64 -4.52
N ASP A 46 -2.83 -0.31 -4.58
CA ASP A 46 -1.65 0.55 -4.66
C ASP A 46 -2.02 1.92 -4.10
N PHE A 47 -1.00 2.76 -3.87
CA PHE A 47 -1.24 4.03 -3.19
C PHE A 47 -2.04 5.02 -4.04
N SER A 48 -1.85 5.04 -5.37
CA SER A 48 -2.64 5.95 -6.19
CA SER A 48 -2.64 5.96 -6.18
C SER A 48 -4.11 5.59 -6.18
N THR A 49 -4.43 4.31 -6.26
CA THR A 49 -5.82 3.86 -6.17
C THR A 49 -6.42 4.25 -4.83
N MET A 50 -5.65 4.10 -3.74
CA MET A 50 -6.10 4.55 -2.42
C MET A 50 -6.35 6.05 -2.40
N ARG A 51 -5.44 6.84 -3.00
CA ARG A 51 -5.61 8.29 -3.00
C ARG A 51 -6.89 8.69 -3.74
N GLU A 52 -7.16 8.07 -4.90
CA GLU A 52 -8.35 8.42 -5.65
C GLU A 52 -9.61 8.16 -4.83
N ARG A 53 -9.64 7.03 -4.11
CA ARG A 53 -10.80 6.69 -3.30
C ARG A 53 -10.91 7.62 -2.10
N LEU A 54 -9.78 7.88 -1.43
CA LEU A 54 -9.78 8.75 -0.25
C LEU A 54 -10.31 10.13 -0.60
N LEU A 55 -9.79 10.74 -1.67
CA LEU A 55 -10.18 12.10 -2.03
C LEU A 55 -11.67 12.18 -2.33
N ARG A 56 -12.23 11.13 -2.91
CA ARG A 56 -13.65 11.11 -3.26
C ARG A 56 -14.54 10.72 -2.08
N GLY A 57 -13.98 10.54 -0.89
CA GLY A 57 -14.78 10.18 0.27
C GLY A 57 -15.22 8.73 0.29
N GLY A 58 -14.53 7.86 -0.43
CA GLY A 58 -14.90 6.47 -0.53
C GLY A 58 -14.55 5.59 0.65
N TYR A 59 -13.75 6.09 1.58
CA TYR A 59 -13.51 5.38 2.83
C TYR A 59 -14.42 5.97 3.90
N THR A 60 -15.17 5.12 4.59
CA THR A 60 -16.08 5.59 5.63
C THR A 60 -15.51 5.44 7.04
N SER A 61 -14.32 4.88 7.18
CA SER A 61 -13.69 4.75 8.47
C SER A 61 -12.19 4.59 8.25
N SER A 62 -11.41 4.88 9.28
CA SER A 62 -9.98 4.66 9.18
C SER A 62 -9.68 3.18 8.95
N GLU A 63 -10.50 2.29 9.51
CA GLU A 63 -10.28 0.86 9.32
C GLU A 63 -10.33 0.49 7.84
N GLU A 64 -11.26 1.06 7.09
CA GLU A 64 -11.35 0.74 5.66
C GLU A 64 -10.10 1.17 4.93
N PHE A 65 -9.57 2.34 5.26
CA PHE A 65 -8.33 2.81 4.66
C PHE A 65 -7.17 1.90 5.04
N ALA A 66 -7.06 1.55 6.32
CA ALA A 66 -5.97 0.69 6.76
C ALA A 66 -6.02 -0.67 6.09
N ALA A 67 -7.21 -1.19 5.85
CA ALA A 67 -7.33 -2.48 5.20
C ALA A 67 -6.74 -2.44 3.80
N ASP A 68 -6.93 -1.33 3.06
CA ASP A 68 -6.29 -1.21 1.75
C ASP A 68 -4.78 -1.10 1.87
N ALA A 69 -4.27 -0.34 2.86
CA ALA A 69 -2.83 -0.29 3.06
C ALA A 69 -2.26 -1.68 3.30
N LEU A 70 -2.87 -2.43 4.21
CA LEU A 70 -2.35 -3.74 4.54
C LEU A 70 -2.46 -4.69 3.36
N LEU A 71 -3.47 -4.50 2.50
CA LEU A 71 -3.59 -5.29 1.28
C LEU A 71 -2.40 -5.06 0.34
N VAL A 72 -1.95 -3.81 0.21
CA VAL A 72 -0.73 -3.55 -0.55
C VAL A 72 0.40 -4.43 -0.04
N PHE A 73 0.60 -4.43 1.27
CA PHE A 73 1.76 -5.12 1.84
C PHE A 73 1.59 -6.63 1.84
N ASP A 74 0.37 -7.11 2.07
CA ASP A 74 0.12 -8.55 2.02
C ASP A 74 0.29 -9.07 0.60
N ASN A 75 -0.20 -8.33 -0.40
CA ASN A 75 0.02 -8.74 -1.77
C ASN A 75 1.52 -8.83 -2.07
N CYS A 76 2.27 -7.82 -1.63
CA CYS A 76 3.70 -7.80 -1.91
C CYS A 76 4.39 -9.01 -1.31
N GLN A 77 4.04 -9.35 -0.07
CA GLN A 77 4.66 -10.48 0.61
C GLN A 77 4.29 -11.81 -0.05
N THR A 78 3.05 -11.94 -0.52
CA THR A 78 2.67 -13.15 -1.23
C THR A 78 3.42 -13.30 -2.54
N PHE A 79 3.54 -12.21 -3.29
CA PHE A 79 4.04 -12.32 -4.65
C PHE A 79 5.57 -12.41 -4.71
N ASN A 80 6.27 -11.65 -3.85
CA ASN A 80 7.71 -11.43 -3.98
C ASN A 80 8.48 -12.11 -2.86
N GLU A 81 9.71 -12.53 -3.16
CA GLU A 81 10.60 -13.05 -2.13
C GLU A 81 10.98 -11.95 -1.15
N ASP A 82 11.19 -12.33 0.11
CA ASP A 82 11.56 -11.35 1.14
C ASP A 82 12.85 -10.62 0.81
N ASP A 83 13.79 -11.29 0.13
CA ASP A 83 15.08 -10.70 -0.16
C ASP A 83 15.17 -10.12 -1.58
N SER A 84 14.03 -10.03 -2.29
CA SER A 84 13.98 -9.27 -3.54
C SER A 84 13.86 -7.79 -3.21
N GLU A 85 14.17 -6.95 -4.20
CA GLU A 85 14.07 -5.52 -3.95
C GLU A 85 12.64 -5.09 -3.63
N VAL A 86 11.66 -5.59 -4.37
CA VAL A 86 10.28 -5.24 -4.09
C VAL A 86 9.84 -5.82 -2.75
N GLY A 87 10.22 -7.08 -2.47
CA GLY A 87 9.84 -7.67 -1.20
C GLY A 87 10.42 -6.91 -0.01
N LYS A 88 11.69 -6.52 -0.10
CA LYS A 88 12.29 -5.76 0.98
C LYS A 88 11.56 -4.46 1.20
N ALA A 89 11.19 -3.78 0.12
CA ALA A 89 10.50 -2.51 0.22
C ALA A 89 9.15 -2.67 0.90
N GLY A 90 8.43 -3.75 0.59
CA GLY A 90 7.14 -3.97 1.21
C GLY A 90 7.24 -4.12 2.72
N HIS A 91 8.26 -4.85 3.19
CA HIS A 91 8.43 -5.01 4.63
C HIS A 91 8.74 -3.68 5.30
N ILE A 92 9.58 -2.85 4.68
CA ILE A 92 9.89 -1.54 5.22
C ILE A 92 8.63 -0.68 5.28
N MET A 93 7.86 -0.69 4.19
CA MET A 93 6.67 0.15 4.13
C MET A 93 5.61 -0.30 5.13
N ARG A 94 5.44 -1.61 5.33
CA ARG A 94 4.46 -2.07 6.31
C ARG A 94 4.81 -1.54 7.69
N ARG A 95 6.06 -1.67 8.09
CA ARG A 95 6.43 -1.21 9.42
C ARG A 95 6.31 0.31 9.54
N PHE A 96 6.66 1.03 8.48
CA PHE A 96 6.49 2.49 8.48
C PHE A 96 5.02 2.85 8.67
N PHE A 97 4.14 2.22 7.89
CA PHE A 97 2.71 2.44 8.02
C PHE A 97 2.23 2.15 9.45
N GLU A 98 2.57 0.98 9.98
CA GLU A 98 2.08 0.59 11.31
C GLU A 98 2.55 1.57 12.37
N SER A 99 3.79 2.04 12.25
CA SER A 99 4.34 2.96 13.25
CA SER A 99 4.34 2.96 13.25
C SER A 99 3.63 4.30 13.20
N ARG A 100 3.44 4.85 12.00
CA ARG A 100 2.76 6.13 11.87
C ARG A 100 1.30 6.01 12.28
N TRP A 101 0.65 4.91 11.89
CA TRP A 101 -0.74 4.70 12.20
C TRP A 101 -0.98 4.77 13.71
N GLU A 102 -0.11 4.15 14.49
CA GLU A 102 -0.27 4.08 15.93
C GLU A 102 -0.25 5.45 16.59
N GLU A 103 0.36 6.44 15.94
CA GLU A 103 0.38 7.79 16.49
C GLU A 103 -1.00 8.44 16.46
N PHE A 104 -1.81 8.16 15.44
CA PHE A 104 -3.09 8.80 15.27
C PHE A 104 -4.26 7.91 15.67
N TYR A 105 -4.10 6.59 15.51
CA TYR A 105 -5.13 5.58 15.75
C TYR A 105 -4.49 4.51 16.62
N GLN A 106 -4.70 4.55 17.92
CA GLN A 106 -4.16 3.49 18.79
C GLN A 106 -5.27 2.51 19.20
C01 D9B B . 14.96 -4.13 -11.30
C01 D9B B . 15.08 -4.07 -11.24
C03 D9B B . 14.24 -4.29 -9.05
C03 D9B B . 14.18 -4.21 -9.07
C04 D9B B . 13.19 -2.71 -10.52
C04 D9B B . 13.27 -2.61 -10.59
C05 D9B B . 12.56 -2.47 -11.90
C05 D9B B . 13.02 -2.29 -12.06
C07 D9B B . 12.11 0.04 -12.25
C07 D9B B . 12.20 0.00 -12.88
C10 D9B B . 9.94 0.11 -11.51
C10 D9B B . 9.97 -0.24 -12.34
C11 D9B B . 10.38 -1.20 -11.40
C11 D9B B . 10.63 -1.41 -11.97
C12 D9B B . 9.49 -2.17 -10.91
C12 D9B B . 9.90 -2.46 -11.37
C13 D9B B . 8.20 -1.79 -10.59
C13 D9B B . 8.54 -2.32 -11.18
C15 D9B B . 7.53 -4.09 -9.92
C15 D9B B . 6.83 -3.17 -9.61
C17 D9B B . 6.61 -4.87 -9.07
C17 D9B B . 6.17 -4.32 -8.86
C18 D9B B . 5.79 -4.13 -8.04
C18 D9B B . 5.43 -3.89 -7.62
C20 D9B B . 4.19 -4.26 -6.13
C20 D9B B . 4.04 -4.48 -5.59
C21 D9B B . 5.00 -6.37 -7.17
C21 D9B B . 4.87 -6.32 -7.12
C23 D9B B . 5.86 -7.09 -8.18
C23 D9B B . 5.64 -6.76 -8.36
C24 D9B B . 6.67 -6.32 -9.12
C24 D9B B . 6.31 -5.75 -9.23
C25 D9B B . 7.79 -0.44 -10.66
C25 D9B B . 7.87 -1.14 -11.54
C26 D9B B . 8.65 0.51 -11.15
C26 D9B B . 8.58 -0.11 -12.13
N02 D9B B . 13.81 -4.04 -10.42
N02 D9B B . 13.85 -3.95 -10.46
N06 D9B B . 11.73 -1.28 -11.85
N06 D9B B . 12.01 -1.27 -12.28
N14 D9B B . 7.28 -2.69 -9.99
N14 D9B B . 7.90 -3.44 -10.54
N19 D9B B . 4.98 -4.90 -7.13
N19 D9B B . 4.78 -4.89 -6.77
O08 D9B B . 13.16 0.38 -12.67
O08 D9B B . 13.22 0.46 -13.27
O09 D9B B . 11.01 0.89 -12.03
O09 D9B B . 10.95 0.64 -12.91
O16 D9B B . 8.50 -4.64 -10.33
O16 D9B B . 6.50 -2.07 -9.38
O22 D9B B . 4.37 -6.96 -6.37
O22 D9B B . 4.35 -7.11 -6.41
H012 D9B B . 14.68 -4.06 -12.22
H012 D9B B . 14.87 -3.98 -12.19
H011 D9B B . 15.39 -4.99 -11.16
H011 D9B B . 15.48 -4.94 -11.08
H013 D9B B . 15.58 -3.42 -11.09
H013 D9B B . 15.71 -3.38 -10.98
H033 D9B B . 14.62 -5.17 -8.98
H033 D9B B . 14.53 -5.12 -8.98
H032 D9B B . 13.48 -4.20 -8.44
H032 D9B B . 13.39 -4.12 -8.53
H031 D9B B . 14.91 -3.63 -8.81
H031 D9B B . 14.86 -3.58 -8.77
H042 D9B B . 12.50 -2.64 -9.85
H042 D9B B . 12.43 -2.59 -10.11
H041 D9B B . 13.87 -2.04 -10.35
H041 D9B B . 13.88 -1.96 -10.22
H051 D9B B . 13.26 -2.34 -12.55
H051 D9B B . 13.86 -1.99 -12.46
H052 D9B B . 12.02 -3.23 -12.15
H052 D9B B . 12.75 -3.10 -12.51
H121 D9B B . 9.76 -3.06 -10.82
H121 D9B B . 10.34 -3.23 -11.11
H181 D9B B . 5.80 -3.20 -8.00
H181 D9B B . 5.37 -2.99 -7.40
H202 D9B B . 4.46 -4.57 -5.26
H202 D9B B . 4.43 -4.90 -4.81
H201 D9B B . 4.31 -3.29 -6.19
H201 D9B B . 4.09 -3.52 -5.50
H203 D9B B . 3.25 -4.47 -6.27
H203 D9B B . 3.11 -4.76 -5.67
H231 D9B B . 5.86 -8.03 -8.21
H231 D9B B . 5.70 -7.66 -8.57
H241 D9B B . 7.22 -6.76 -9.74
H241 D9B B . 6.78 -6.01 -9.99
H251 D9B B . 6.92 -0.21 -10.41
H251 D9B B . 6.96 -1.05 -11.40
H261 D9B B . 8.38 1.40 -11.24
H261 D9B B . 8.15 0.68 -12.38
H141 D9B B . 6.60 -2.37 -9.57
H141 D9B B . 8.16 -4.24 -10.68
#